data_4KJI
#
_entry.id   4KJI
#
_cell.length_a   83.649
_cell.length_b   83.649
_cell.length_c   94.239
_cell.angle_alpha   90.00
_cell.angle_beta   90.00
_cell.angle_gamma   90.00
#
_symmetry.space_group_name_H-M   'P 43 2 2'
#
loop_
_entity.id
_entity.type
_entity.pdbx_description
1 polymer 'RsmN, a RNA-binding protein of Regulator of Secondary Metabolism'
2 polymer RsmZ-2
#
loop_
_entity_poly.entity_id
_entity_poly.type
_entity_poly.pdbx_seq_one_letter_code
_entity_poly.pdbx_strand_id
1 'polypeptide(L)' HHHHHHGSMGFLILSRREGEGITLSLKADYPAEELIRQLREGGIRILVTDIIGNQARVGIEAPRGVLIVRDELKTAPKG A,B
2 'polyribonucleotide' CCCCGAAGGAUCGGGG C,D
#
loop_
_chem_comp.id
_chem_comp.type
_chem_comp.name
_chem_comp.formula
A RNA linking ADENOSINE-5'-MONOPHOSPHATE 'C10 H14 N5 O7 P'
C RNA linking CYTIDINE-5'-MONOPHOSPHATE 'C9 H14 N3 O8 P'
G RNA linking GUANOSINE-5'-MONOPHOSPHATE 'C10 H14 N5 O8 P'
U RNA linking URIDINE-5'-MONOPHOSPHATE 'C9 H13 N2 O9 P'
#
# COMPACT_ATOMS: atom_id res chain seq x y z
N PHE A 11 1.24 -12.22 -3.77
CA PHE A 11 1.55 -10.98 -4.58
C PHE A 11 0.54 -10.71 -5.69
N LEU A 12 0.07 -9.47 -5.78
CA LEU A 12 -0.82 -9.12 -6.90
C LEU A 12 -0.12 -8.06 -7.70
N ILE A 13 -0.21 -8.21 -9.01
CA ILE A 13 0.52 -7.35 -9.95
C ILE A 13 -0.38 -6.57 -10.90
N LEU A 14 -0.22 -5.25 -10.89
CA LEU A 14 -0.99 -4.38 -11.77
C LEU A 14 -0.15 -3.22 -12.30
N SER A 15 -0.46 -2.75 -13.50
CA SER A 15 0.26 -1.67 -14.09
C SER A 15 -0.50 -0.40 -13.89
N ARG A 16 0.20 0.58 -13.36
CA ARG A 16 -0.28 1.94 -13.26
C ARG A 16 0.53 2.86 -14.18
N ARG A 17 -0.07 3.94 -14.67
CA ARG A 17 0.67 4.97 -15.40
C ARG A 17 0.84 6.13 -14.45
N GLU A 18 1.46 7.22 -14.92
CA GLU A 18 1.43 8.49 -14.18
C GLU A 18 -0.02 8.84 -13.76
N GLY A 19 -0.21 9.18 -12.50
CA GLY A 19 -1.51 9.67 -12.05
C GLY A 19 -2.56 8.64 -11.68
N GLU A 20 -2.40 7.38 -12.09
CA GLU A 20 -3.34 6.30 -11.71
C GLU A 20 -3.07 5.70 -10.34
N GLY A 21 -4.11 5.33 -9.62
CA GLY A 21 -3.91 4.93 -8.23
C GLY A 21 -4.31 3.51 -7.97
N ILE A 22 -4.22 3.12 -6.70
CA ILE A 22 -4.66 1.81 -6.17
C ILE A 22 -5.19 1.97 -4.74
N THR A 23 -6.35 1.38 -4.47
CA THR A 23 -7.06 1.62 -3.21
C THR A 23 -7.20 0.34 -2.39
N LEU A 24 -6.79 0.42 -1.12
CA LEU A 24 -6.86 -0.74 -0.25
C LEU A 24 -7.91 -0.61 0.85
N SER A 25 -9.14 -1.01 0.51
CA SER A 25 -10.22 -1.20 1.47
C SER A 25 -9.84 -2.44 2.25
N LEU A 26 -10.71 -2.89 3.14
CA LEU A 26 -10.54 -4.20 3.73
C LEU A 26 -11.86 -4.94 3.63
N LYS A 27 -11.79 -6.22 3.28
CA LYS A 27 -12.98 -6.98 2.98
C LYS A 27 -13.96 -6.81 4.13
N ALA A 28 -15.21 -6.49 3.79
CA ALA A 28 -16.27 -6.26 4.79
C ALA A 28 -16.50 -7.46 5.74
N ASP A 29 -16.56 -8.67 5.17
CA ASP A 29 -16.84 -9.92 5.89
C ASP A 29 -15.83 -10.34 6.97
N TYR A 30 -14.54 -10.40 6.62
CA TYR A 30 -13.52 -10.94 7.53
C TYR A 30 -13.63 -10.41 8.97
N PRO A 31 -13.38 -11.30 9.96
CA PRO A 31 -13.36 -10.95 11.39
C PRO A 31 -12.37 -9.83 11.74
N ALA A 32 -12.83 -8.88 12.55
CA ALA A 32 -12.02 -7.72 12.90
C ALA A 32 -10.63 -7.97 13.47
N GLU A 33 -10.59 -8.58 14.66
CA GLU A 33 -9.34 -8.91 15.29
C GLU A 33 -8.45 -9.77 14.39
N GLU A 34 -9.05 -10.80 13.79
CA GLU A 34 -8.36 -11.70 12.87
C GLU A 34 -7.28 -11.00 12.03
N LEU A 35 -7.75 -10.00 11.28
CA LEU A 35 -6.86 -9.25 10.42
C LEU A 35 -5.64 -8.73 11.18
N ILE A 36 -5.88 -7.80 12.11
CA ILE A 36 -4.81 -7.18 12.88
C ILE A 36 -3.53 -7.89 13.28
N ARG A 37 -3.64 -9.17 13.64
CA ARG A 37 -2.46 -10.01 13.92
C ARG A 37 -1.65 -10.21 12.66
N GLN A 38 -2.28 -10.73 11.60
CA GLN A 38 -1.58 -11.01 10.35
C GLN A 38 -0.68 -9.87 9.89
N LEU A 39 -1.06 -8.65 10.25
CA LEU A 39 -0.31 -7.46 9.87
C LEU A 39 0.78 -7.20 10.90
N ARG A 40 0.41 -7.19 12.17
CA ARG A 40 1.40 -7.01 13.24
C ARG A 40 2.56 -7.98 12.95
N GLU A 41 2.23 -9.11 12.34
CA GLU A 41 3.24 -10.08 11.89
C GLU A 41 3.61 -9.87 10.42
N GLY A 42 2.66 -10.17 9.52
CA GLY A 42 2.90 -10.07 8.08
C GLY A 42 3.32 -8.68 7.63
N GLY A 43 2.38 -7.74 7.64
CA GLY A 43 2.60 -6.43 7.06
C GLY A 43 2.21 -6.48 5.59
N ILE A 44 2.07 -5.29 5.00
CA ILE A 44 1.69 -5.16 3.59
C ILE A 44 2.95 -4.88 2.78
N ARG A 45 3.10 -5.54 1.63
CA ARG A 45 4.30 -5.32 0.85
C ARG A 45 4.01 -4.74 -0.52
N ILE A 46 4.68 -3.64 -0.82
CA ILE A 46 4.51 -2.92 -2.07
C ILE A 46 5.82 -2.93 -2.86
N LEU A 47 5.93 -3.81 -3.86
CA LEU A 47 7.12 -3.82 -4.70
C LEU A 47 6.87 -3.18 -6.02
N VAL A 48 7.85 -2.43 -6.50
CA VAL A 48 7.75 -1.75 -7.80
C VAL A 48 8.55 -2.64 -8.73
N THR A 49 8.05 -3.86 -8.92
CA THR A 49 8.64 -4.82 -9.84
C THR A 49 9.29 -4.55 -11.18
N ASP A 50 8.81 -3.54 -11.89
CA ASP A 50 9.53 -3.03 -13.03
C ASP A 50 8.87 -1.79 -13.52
N ILE A 51 9.72 -0.79 -13.82
CA ILE A 51 9.28 0.40 -14.51
C ILE A 51 9.69 0.30 -15.97
N ILE A 52 8.79 0.69 -16.88
CA ILE A 52 9.08 0.74 -18.34
C ILE A 52 8.31 1.84 -19.06
N GLY A 53 9.05 2.74 -19.70
CA GLY A 53 8.47 3.90 -20.35
C GLY A 53 7.56 4.68 -19.42
N ASN A 54 6.28 4.69 -19.76
CA ASN A 54 5.23 5.35 -18.97
C ASN A 54 4.55 4.44 -17.96
N GLN A 55 4.81 3.12 -18.03
CA GLN A 55 4.11 2.16 -17.18
C GLN A 55 4.92 1.58 -16.02
N ALA A 56 4.58 2.01 -14.81
CA ALA A 56 5.05 1.35 -13.60
C ALA A 56 4.30 0.07 -13.43
N ARG A 57 4.95 -0.92 -12.88
CA ARG A 57 4.33 -2.21 -12.72
C ARG A 57 4.58 -2.51 -11.25
N VAL A 58 3.50 -2.58 -10.50
CA VAL A 58 3.53 -2.72 -9.05
C VAL A 58 3.09 -4.09 -8.62
N GLY A 59 3.63 -4.53 -7.49
CA GLY A 59 3.18 -5.76 -6.86
C GLY A 59 2.71 -5.44 -5.48
N ILE A 60 1.58 -6.02 -5.08
CA ILE A 60 1.06 -5.84 -3.72
C ILE A 60 0.77 -7.15 -2.99
N GLU A 61 1.33 -7.28 -1.79
CA GLU A 61 1.15 -8.49 -1.00
C GLU A 61 0.52 -8.17 0.34
N ALA A 62 -0.64 -8.79 0.55
CA ALA A 62 -1.53 -8.39 1.63
C ALA A 62 -2.44 -9.53 2.06
N PRO A 63 -2.64 -9.65 3.37
CA PRO A 63 -3.54 -10.65 3.93
C PRO A 63 -4.79 -10.71 3.06
N ARG A 64 -5.47 -11.84 3.06
CA ARG A 64 -6.62 -12.05 2.18
C ARG A 64 -7.88 -11.33 2.65
N GLY A 65 -7.76 -10.49 3.66
CA GLY A 65 -8.89 -9.74 4.17
C GLY A 65 -8.89 -8.31 3.69
N VAL A 66 -7.82 -7.95 3.00
CA VAL A 66 -7.75 -6.66 2.34
C VAL A 66 -8.15 -6.80 0.89
N LEU A 67 -8.99 -5.89 0.45
CA LEU A 67 -9.34 -5.82 -0.94
C LEU A 67 -8.30 -4.93 -1.60
N ILE A 68 -7.83 -5.33 -2.78
CA ILE A 68 -7.00 -4.43 -3.58
C ILE A 68 -7.72 -4.16 -4.89
N VAL A 69 -8.00 -2.89 -5.16
CA VAL A 69 -8.56 -2.54 -6.46
C VAL A 69 -7.87 -1.39 -7.12
N ARG A 70 -7.52 -1.58 -8.37
CA ARG A 70 -7.22 -0.45 -9.22
C ARG A 70 -8.38 0.53 -9.06
N ASP A 71 -8.05 1.82 -9.07
CA ASP A 71 -9.00 2.85 -8.73
C ASP A 71 -10.19 2.87 -9.69
N GLU A 72 -9.94 2.55 -10.95
CA GLU A 72 -10.98 2.67 -11.97
C GLU A 72 -12.05 1.59 -11.86
N LEU A 73 -12.05 0.86 -10.76
CA LEU A 73 -13.06 -0.16 -10.50
C LEU A 73 -14.11 0.33 -9.48
N LYS A 74 -14.54 1.58 -9.62
CA LYS A 74 -15.55 2.14 -8.74
C LYS A 74 -15.03 2.24 -7.30
N GLY B 10 -3.26 15.01 1.18
CA GLY B 10 -1.99 15.00 1.87
C GLY B 10 -1.43 13.63 2.19
N PHE B 11 -0.66 13.09 1.25
CA PHE B 11 0.04 11.79 1.46
C PHE B 11 1.56 11.84 1.51
N LEU B 12 2.18 10.66 1.65
CA LEU B 12 3.65 10.52 1.75
C LEU B 12 4.24 10.12 0.37
N ILE B 13 5.28 10.86 -0.05
CA ILE B 13 5.99 10.67 -1.33
C ILE B 13 7.37 10.05 -1.11
N LEU B 14 7.70 9.01 -1.88
CA LEU B 14 9.08 8.47 -1.96
C LEU B 14 9.33 7.79 -3.28
N SER B 15 10.56 7.91 -3.77
CA SER B 15 10.94 7.38 -5.06
C SER B 15 11.39 5.95 -4.88
N ARG B 16 10.94 5.07 -5.78
CA ARG B 16 11.53 3.72 -5.91
C ARG B 16 12.01 3.39 -7.35
N ARG B 17 12.97 2.47 -7.45
CA ARG B 17 13.50 1.97 -8.74
C ARG B 17 13.01 0.54 -8.94
N GLU B 18 13.19 -0.01 -10.14
CA GLU B 18 12.91 -1.44 -10.36
C GLU B 18 13.45 -2.25 -9.22
N GLY B 19 12.62 -3.17 -8.70
CA GLY B 19 12.98 -4.06 -7.59
C GLY B 19 12.93 -3.47 -6.18
N GLU B 20 12.93 -2.13 -6.07
CA GLU B 20 12.90 -1.47 -4.76
C GLU B 20 11.47 -1.54 -4.22
N GLY B 21 11.32 -1.64 -2.90
CA GLY B 21 9.97 -1.74 -2.31
C GLY B 21 9.57 -0.78 -1.19
N ILE B 22 8.34 -0.93 -0.72
CA ILE B 22 7.87 -0.29 0.51
C ILE B 22 7.05 -1.26 1.35
N THR B 23 7.28 -1.23 2.67
CA THR B 23 6.59 -2.10 3.63
C THR B 23 5.77 -1.24 4.59
N LEU B 24 4.52 -1.66 4.76
CA LEU B 24 3.57 -0.89 5.55
C LEU B 24 3.38 -1.66 6.83
N SER B 25 3.86 -1.05 7.92
CA SER B 25 3.68 -1.59 9.25
C SER B 25 2.61 -0.76 9.96
N LEU B 26 1.99 -1.35 10.95
CA LEU B 26 1.08 -0.63 11.81
C LEU B 26 1.80 -0.39 13.13
N LYS B 27 1.85 0.86 13.55
CA LYS B 27 2.64 1.24 14.75
C LYS B 27 2.31 0.35 15.95
N ALA B 28 3.36 -0.13 16.64
CA ALA B 28 3.22 -1.13 17.71
C ALA B 28 2.35 -0.68 18.89
N ASP B 29 2.32 0.64 19.12
CA ASP B 29 1.57 1.23 20.24
C ASP B 29 0.08 1.51 19.94
N TYR B 30 -0.27 1.97 18.73
CA TYR B 30 -1.69 2.18 18.33
C TYR B 30 -2.59 1.01 18.78
N PRO B 31 -3.79 1.33 19.32
CA PRO B 31 -4.73 0.29 19.77
C PRO B 31 -5.17 -0.60 18.63
N ALA B 32 -5.47 -1.88 18.91
CA ALA B 32 -5.94 -2.79 17.87
C ALA B 32 -7.27 -2.32 17.26
N GLU B 33 -8.28 -2.13 18.10
CA GLU B 33 -9.62 -1.74 17.64
C GLU B 33 -9.68 -0.36 16.96
N GLU B 34 -8.76 0.53 17.29
CA GLU B 34 -8.79 1.90 16.73
C GLU B 34 -8.39 1.93 15.27
N LEU B 35 -7.32 1.19 14.95
CA LEU B 35 -6.84 1.13 13.58
C LEU B 35 -8.05 0.87 12.74
N ILE B 36 -8.65 -0.29 12.96
CA ILE B 36 -9.74 -0.76 12.11
C ILE B 36 -10.61 0.42 11.74
N ARG B 37 -10.99 1.24 12.72
CA ARG B 37 -11.88 2.35 12.43
C ARG B 37 -11.30 3.12 11.27
N GLN B 38 -10.02 3.47 11.38
CA GLN B 38 -9.38 4.36 10.42
C GLN B 38 -9.34 3.85 8.98
N LEU B 39 -9.20 2.55 8.79
CA LEU B 39 -9.27 1.97 7.44
C LEU B 39 -10.70 1.89 6.96
N ARG B 40 -11.61 1.43 7.88
CA ARG B 40 -13.03 1.31 7.54
C ARG B 40 -13.57 2.61 6.93
N GLU B 41 -13.04 3.75 7.39
CA GLU B 41 -13.52 5.06 6.91
C GLU B 41 -12.60 5.79 5.91
N GLY B 42 -11.33 5.38 5.84
CA GLY B 42 -10.39 5.97 4.86
C GLY B 42 -9.79 5.06 3.78
N GLY B 43 -9.64 3.76 4.08
CA GLY B 43 -8.83 2.87 3.25
C GLY B 43 -7.40 3.37 3.28
N ILE B 44 -6.49 2.69 2.58
CA ILE B 44 -5.15 3.27 2.33
C ILE B 44 -4.95 3.41 0.83
N ARG B 45 -4.54 4.59 0.38
CA ARG B 45 -4.45 4.91 -1.04
C ARG B 45 -3.02 4.87 -1.55
N ILE B 46 -2.83 4.49 -2.83
CA ILE B 46 -1.50 4.44 -3.45
C ILE B 46 -1.49 5.03 -4.86
N LEU B 47 -1.02 6.26 -4.95
CA LEU B 47 -0.86 6.94 -6.22
C LEU B 47 0.55 6.76 -6.73
N VAL B 48 0.68 6.63 -8.05
CA VAL B 48 1.99 6.74 -8.69
C VAL B 48 1.95 8.15 -9.14
N THR B 49 2.49 9.04 -8.33
CA THR B 49 2.45 10.45 -8.66
C THR B 49 3.14 10.71 -9.99
N ASP B 50 4.41 10.33 -10.08
CA ASP B 50 5.16 10.59 -11.30
C ASP B 50 6.02 9.42 -11.72
N ILE B 51 6.21 9.27 -13.02
CA ILE B 51 7.25 8.37 -13.51
C ILE B 51 8.27 9.11 -14.36
N ILE B 52 9.54 9.03 -13.94
CA ILE B 52 10.63 9.64 -14.67
C ILE B 52 11.82 8.65 -14.80
N GLY B 53 12.07 8.21 -16.03
CA GLY B 53 13.16 7.30 -16.31
C GLY B 53 13.21 6.02 -15.52
N ASN B 54 14.10 5.98 -14.52
CA ASN B 54 14.41 4.75 -13.80
C ASN B 54 13.64 4.66 -12.51
N GLN B 55 13.22 5.84 -12.03
CA GLN B 55 12.60 6.00 -10.72
C GLN B 55 11.10 6.33 -10.78
N ALA B 56 10.35 5.54 -10.02
CA ALA B 56 8.92 5.72 -9.84
C ALA B 56 8.75 6.54 -8.60
N ARG B 57 7.82 7.47 -8.67
CA ARG B 57 7.47 8.28 -7.51
C ARG B 57 6.10 7.85 -7.00
N VAL B 58 6.04 7.50 -5.71
CA VAL B 58 4.85 6.82 -5.19
C VAL B 58 4.24 7.56 -4.02
N GLY B 59 2.96 7.91 -4.16
CA GLY B 59 2.20 8.52 -3.07
C GLY B 59 1.38 7.51 -2.29
N ILE B 60 1.47 7.56 -0.96
CA ILE B 60 0.68 6.67 -0.13
C ILE B 60 -0.01 7.46 0.96
N GLU B 61 -1.33 7.37 1.01
CA GLU B 61 -2.13 8.05 2.04
C GLU B 61 -2.55 6.99 3.01
N ALA B 62 -2.17 7.14 4.29
CA ALA B 62 -2.64 6.17 5.28
C ALA B 62 -2.65 6.66 6.74
N PRO B 63 -3.73 6.34 7.50
CA PRO B 63 -3.99 6.60 8.91
C PRO B 63 -2.74 6.57 9.78
N ARG B 64 -2.58 7.53 10.69
CA ARG B 64 -1.34 7.60 11.46
C ARG B 64 -1.04 6.22 12.05
N GLY B 65 -2.05 5.36 12.12
CA GLY B 65 -1.91 3.99 12.64
C GLY B 65 -0.89 3.11 11.90
N VAL B 66 -0.53 3.52 10.69
CA VAL B 66 0.36 2.74 9.80
C VAL B 66 1.74 3.35 9.51
N LEU B 67 2.74 2.64 9.50
CA LEU B 67 4.13 3.09 9.40
C LEU B 67 4.61 2.78 8.01
N ILE B 68 4.87 3.82 7.23
CA ILE B 68 5.35 3.63 5.86
C ILE B 68 6.87 3.70 5.81
N VAL B 69 7.52 2.58 5.47
CA VAL B 69 8.99 2.58 5.41
C VAL B 69 9.53 1.94 4.14
N ARG B 70 10.48 2.63 3.49
CA ARG B 70 11.18 2.09 2.32
C ARG B 70 11.92 0.82 2.77
N ASP B 71 11.84 -0.24 1.95
CA ASP B 71 12.26 -1.60 2.37
C ASP B 71 13.73 -1.68 2.87
N GLU B 72 14.52 -0.67 2.51
CA GLU B 72 15.96 -0.64 2.81
C GLU B 72 16.34 0.03 4.15
N LEU B 73 15.35 0.38 4.99
CA LEU B 73 15.64 0.95 6.32
C LEU B 73 15.54 -0.11 7.45
N LYS B 74 15.70 -1.39 7.12
CA LYS B 74 15.56 -2.45 8.11
C LYS B 74 14.13 -2.92 8.09
#